data_5QQF
#
_entry.id   5QQF
#
_cell.length_a   62.490
_cell.length_b   62.490
_cell.length_c   341.271
_cell.angle_alpha   90.000
_cell.angle_beta   90.000
_cell.angle_gamma   120.000
#
_symmetry.space_group_name_H-M   'P 65 2 2'
#
loop_
_entity.id
_entity.type
_entity.pdbx_description
1 polymer 'Ras-related C3 botulinum toxin substrate 1'
2 polymer Kalirin
3 non-polymer 1,2-ETHANEDIOL
4 non-polymer "N-ethyl-N'-1,3-thiazol-2-ylurea"
5 water water
#
loop_
_entity_poly.entity_id
_entity_poly.type
_entity_poly.pdbx_seq_one_letter_code
_entity_poly.pdbx_strand_id
1 'polypeptide(L)'
;SMQAIKCVVVGDGAVGKTCLLISYTTNAFPGEYIPTVFDNYSANVMVDGKPVNLGLWDTAGQEDYDRLRPLSYPQTDVFL
ICFSLVSPASFENVRAKWYPEVRHHCPNTPIILVGTKLDLRDDKDTIEKLKEKKLTPITYPQGLAMAKEIGAVKYLECSA
LTQRGLKTVFDEAIRAVL
;
A
2 'polypeptide(L)'
;SMRKKEFIMAELLQTEKAYVRDLHECLETYLWEMTSGVEEIPPGILNKEHIIFGNIQEIYDFHNNIFLKELEKYEQLPED
VGHCFVTWADKFQMYVTYCKNKPDSNQLILEHAGTFFDEIQQRHGLANSISSYLIKPVQRVTKYQLLLKELLTCCEEGKG
ELKDGLEVMLSVPKKANDAMHV
;
B
#
loop_
_chem_comp.id
_chem_comp.type
_chem_comp.name
_chem_comp.formula
EDO non-polymer 1,2-ETHANEDIOL 'C2 H6 O2'
N5V non-polymer N-ethyl-N'-1,3-thiazol-2-ylurea 'C6 H9 N3 O S'
#
# COMPACT_ATOMS: atom_id res chain seq x y z
N MET A 2 18.41 -15.66 -7.25
CA MET A 2 17.11 -15.55 -7.98
C MET A 2 16.52 -14.11 -7.94
N GLN A 3 16.22 -13.56 -9.12
CA GLN A 3 15.82 -12.15 -9.26
C GLN A 3 14.56 -11.79 -8.46
N ALA A 4 14.74 -10.84 -7.54
CA ALA A 4 13.66 -10.22 -6.80
C ALA A 4 13.13 -9.04 -7.61
N ILE A 5 11.81 -8.85 -7.57
CA ILE A 5 11.16 -7.73 -8.24
C ILE A 5 10.17 -6.96 -7.33
N LYS A 6 10.46 -5.68 -7.08
CA LYS A 6 9.56 -4.82 -6.34
C LYS A 6 8.62 -4.16 -7.34
N CYS A 7 7.30 -4.33 -7.13
CA CYS A 7 6.24 -3.71 -7.98
C CYS A 7 5.23 -2.93 -7.16
N VAL A 8 5.11 -1.66 -7.50
CA VAL A 8 4.23 -0.74 -6.80
C VAL A 8 3.07 -0.40 -7.73
N VAL A 9 1.86 -0.41 -7.15
CA VAL A 9 0.59 -0.26 -7.84
C VAL A 9 0.05 1.05 -7.35
N VAL A 10 -0.12 1.99 -8.28
CA VAL A 10 -0.59 3.35 -8.01
C VAL A 10 -1.85 3.64 -8.80
N GLY A 11 -2.48 4.77 -8.51
CA GLY A 11 -3.75 5.17 -9.13
C GLY A 11 -4.80 5.61 -8.11
N ASP A 12 -5.90 6.13 -8.61
CA ASP A 12 -6.99 6.63 -7.76
C ASP A 12 -7.66 5.53 -6.95
N GLY A 13 -8.31 5.87 -5.84
CA GLY A 13 -9.17 4.93 -5.09
C GLY A 13 -10.14 4.10 -5.95
N ALA A 14 -10.75 4.74 -6.94
CA ALA A 14 -11.74 4.08 -7.82
C ALA A 14 -11.21 3.03 -8.77
N VAL A 15 -9.90 2.81 -8.86
CA VAL A 15 -9.40 1.76 -9.75
C VAL A 15 -9.64 0.36 -9.16
N GLY A 16 -9.74 0.27 -7.83
CA GLY A 16 -9.83 -1.04 -7.19
C GLY A 16 -8.46 -1.71 -7.07
N LYS A 17 -7.47 -0.92 -6.63
CA LYS A 17 -6.09 -1.39 -6.48
C LYS A 17 -6.06 -2.59 -5.58
N THR A 18 -6.60 -2.43 -4.36
CA THR A 18 -6.58 -3.50 -3.40
C THR A 18 -7.24 -4.76 -3.94
N CYS A 19 -8.41 -4.60 -4.51
CA CYS A 19 -9.15 -5.70 -5.10
C CYS A 19 -8.40 -6.43 -6.22
N LEU A 20 -7.80 -5.67 -7.12
CA LEU A 20 -6.93 -6.19 -8.17
C LEU A 20 -5.89 -7.18 -7.62
N LEU A 21 -5.19 -6.75 -6.56
CA LEU A 21 -4.05 -7.48 -6.02
C LEU A 21 -4.48 -8.71 -5.30
N ILE A 22 -5.60 -8.57 -4.58
CA ILE A 22 -6.15 -9.65 -3.82
C ILE A 22 -6.64 -10.66 -4.76
N SER A 23 -7.31 -10.16 -5.81
CA SER A 23 -7.88 -11.09 -6.78
C SER A 23 -6.80 -11.81 -7.54
N TYR A 24 -5.73 -11.09 -7.87
CA TYR A 24 -4.58 -11.73 -8.51
C TYR A 24 -3.92 -12.78 -7.62
N THR A 25 -3.66 -12.43 -6.36
CA THR A 25 -2.86 -13.29 -5.49
C THR A 25 -3.64 -14.50 -4.95
N THR A 26 -4.93 -14.35 -4.72
CA THR A 26 -5.78 -15.48 -4.31
C THR A 26 -6.41 -16.26 -5.47
N ASN A 27 -6.26 -15.78 -6.71
CA ASN A 27 -6.94 -16.31 -7.91
C ASN A 27 -8.46 -16.32 -7.81
N ALA A 28 -9.00 -15.28 -7.18
CA ALA A 28 -10.44 -15.22 -6.93
C ALA A 28 -10.82 -13.81 -6.52
N PHE A 29 -11.92 -13.32 -7.08
CA PHE A 29 -12.49 -12.07 -6.67
C PHE A 29 -12.97 -12.34 -5.26
N PRO A 30 -12.73 -11.40 -4.31
CA PRO A 30 -13.01 -11.70 -2.89
C PRO A 30 -14.51 -11.72 -2.59
N GLY A 31 -15.30 -10.96 -3.34
CA GLY A 31 -16.69 -11.30 -3.58
C GLY A 31 -17.59 -10.74 -2.56
N GLU A 32 -17.88 -11.57 -1.57
CA GLU A 32 -18.61 -11.18 -0.37
C GLU A 32 -18.14 -9.77 0.11
N TYR A 33 -16.96 -9.77 0.73
CA TYR A 33 -16.41 -8.59 1.36
C TYR A 33 -15.17 -8.27 0.56
N ILE A 34 -15.01 -7.01 0.13
CA ILE A 34 -13.71 -6.54 -0.41
C ILE A 34 -12.79 -6.01 0.72
N PRO A 35 -11.71 -6.75 1.09
CA PRO A 35 -10.80 -6.23 2.15
C PRO A 35 -10.17 -4.90 1.76
N THR A 36 -9.93 -4.07 2.75
CA THR A 36 -9.30 -2.81 2.46
C THR A 36 -7.78 -3.00 2.62
N VAL A 37 -7.31 -4.12 3.18
CA VAL A 37 -5.89 -4.30 3.40
C VAL A 37 -5.33 -5.40 2.54
N PHE A 38 -4.30 -5.03 1.80
CA PHE A 38 -3.45 -5.96 1.12
C PHE A 38 -2.02 -5.62 1.58
N ASP A 39 -1.46 -6.49 2.43
CA ASP A 39 -0.11 -6.27 2.99
C ASP A 39 0.90 -6.70 1.93
N ASN A 40 2.07 -6.07 1.97
CA ASN A 40 3.14 -6.27 0.97
C ASN A 40 3.33 -7.74 0.81
N TYR A 41 3.43 -8.18 -0.44
CA TYR A 41 3.36 -9.58 -0.77
C TYR A 41 4.58 -9.95 -1.64
N SER A 42 5.01 -11.21 -1.53
CA SER A 42 5.94 -11.73 -2.50
C SER A 42 5.70 -13.20 -2.75
N ALA A 43 5.85 -13.60 -4.00
CA ALA A 43 5.75 -14.98 -4.36
C ALA A 43 6.62 -15.26 -5.57
N ASN A 44 7.04 -16.52 -5.68
CA ASN A 44 7.81 -17.01 -6.82
C ASN A 44 6.86 -17.28 -7.98
N VAL A 45 7.22 -16.80 -9.17
CA VAL A 45 6.51 -17.14 -10.41
C VAL A 45 7.55 -17.41 -11.52
N MET A 46 7.30 -18.39 -12.40
CA MET A 46 8.12 -18.61 -13.60
C MET A 46 7.54 -17.76 -14.74
N VAL A 47 8.42 -17.01 -15.41
CA VAL A 47 8.03 -16.22 -16.59
C VAL A 47 9.06 -16.41 -17.71
N ASP A 48 8.56 -16.86 -18.88
CA ASP A 48 9.41 -17.38 -19.97
C ASP A 48 10.36 -18.40 -19.40
N GLY A 49 9.79 -19.34 -18.65
CA GLY A 49 10.53 -20.34 -17.88
C GLY A 49 11.70 -19.84 -17.05
N LYS A 50 11.64 -18.60 -16.57
CA LYS A 50 12.71 -17.99 -15.77
C LYS A 50 12.07 -17.64 -14.43
N PRO A 51 12.24 -18.49 -13.39
CA PRO A 51 11.65 -18.20 -12.09
C PRO A 51 12.09 -16.86 -11.49
N VAL A 52 11.13 -16.20 -10.85
CA VAL A 52 11.25 -14.81 -10.39
C VAL A 52 10.52 -14.62 -9.06
N ASN A 53 11.07 -13.80 -8.16
CA ASN A 53 10.35 -13.43 -6.93
C ASN A 53 9.71 -12.10 -7.13
N LEU A 54 8.39 -12.15 -7.23
CA LEU A 54 7.57 -11.00 -7.51
C LEU A 54 7.10 -10.41 -6.22
N GLY A 55 7.36 -9.13 -6.01
CA GLY A 55 6.95 -8.43 -4.79
C GLY A 55 5.93 -7.36 -5.16
N LEU A 56 4.78 -7.37 -4.48
CA LEU A 56 3.68 -6.43 -4.77
C LEU A 56 3.39 -5.56 -3.57
N TRP A 57 3.40 -4.24 -3.78
CA TRP A 57 3.03 -3.28 -2.77
C TRP A 57 1.80 -2.50 -3.25
N ASP A 58 0.79 -2.46 -2.37
CA ASP A 58 -0.39 -1.64 -2.50
C ASP A 58 -0.04 -0.22 -2.04
N THR A 59 -0.83 0.75 -2.48
CA THR A 59 -0.72 2.11 -2.01
C THR A 59 -2.07 2.72 -1.55
N ALA A 60 -3.10 1.87 -1.46
CA ALA A 60 -4.45 2.36 -1.15
C ALA A 60 -4.47 2.96 0.26
N GLY A 61 -5.17 4.07 0.40
CA GLY A 61 -5.16 4.87 1.61
C GLY A 61 -4.25 6.09 1.52
N GLN A 62 -3.24 6.03 0.65
CA GLN A 62 -2.26 7.12 0.57
C GLN A 62 -2.62 8.18 -0.47
N GLU A 63 -3.82 8.07 -1.06
CA GLU A 63 -4.20 8.86 -2.22
C GLU A 63 -4.30 10.36 -1.94
N ASP A 64 -4.44 10.80 -0.68
CA ASP A 64 -4.42 12.24 -0.40
C ASP A 64 -3.10 12.76 0.19
N TYR A 65 -2.12 11.89 0.38
CA TYR A 65 -0.87 12.32 1.02
C TYR A 65 0.25 12.37 -0.01
N ASP A 66 0.38 13.55 -0.63
CA ASP A 66 1.33 13.79 -1.71
C ASP A 66 2.78 13.53 -1.34
N ARG A 67 3.20 13.96 -0.16
CA ARG A 67 4.54 13.65 0.34
C ARG A 67 4.76 12.28 0.99
N LEU A 68 3.70 11.56 1.35
CA LEU A 68 3.82 10.20 1.92
C LEU A 68 3.87 9.09 0.89
N ARG A 69 3.12 9.22 -0.20
CA ARG A 69 3.16 8.20 -1.28
C ARG A 69 4.55 7.89 -1.83
N PRO A 70 5.35 8.93 -2.05
CA PRO A 70 6.68 8.70 -2.56
C PRO A 70 7.59 7.87 -1.66
N LEU A 71 7.33 7.82 -0.35
CA LEU A 71 8.08 6.92 0.51
C LEU A 71 8.15 5.49 -0.04
N SER A 72 7.09 5.02 -0.71
CA SER A 72 7.11 3.67 -1.34
C SER A 72 7.87 3.59 -2.67
N TYR A 73 8.23 4.72 -3.27
CA TYR A 73 8.73 4.70 -4.67
C TYR A 73 10.16 4.21 -4.93
N PRO A 74 11.14 4.70 -4.14
CA PRO A 74 12.54 4.30 -4.39
C PRO A 74 12.75 2.78 -4.49
N GLN A 75 13.66 2.40 -5.39
CA GLN A 75 14.08 1.02 -5.61
C GLN A 75 12.98 0.11 -6.20
N THR A 76 11.91 0.72 -6.70
CA THR A 76 10.88 -0.01 -7.41
C THR A 76 11.41 -0.39 -8.77
N ASP A 77 11.19 -1.63 -9.14
CA ASP A 77 11.59 -2.16 -10.44
C ASP A 77 10.57 -1.88 -11.59
N VAL A 78 9.28 -1.84 -11.26
CA VAL A 78 8.21 -1.54 -12.24
C VAL A 78 6.91 -1.05 -11.55
N PHE A 79 6.30 -0.05 -12.14
CA PHE A 79 5.03 0.45 -11.66
C PHE A 79 3.86 -0.04 -12.52
N LEU A 80 2.77 -0.42 -11.86
CA LEU A 80 1.45 -0.42 -12.46
C LEU A 80 0.81 0.90 -12.15
N ILE A 81 0.55 1.71 -13.18
CA ILE A 81 -0.31 2.88 -13.00
C ILE A 81 -1.70 2.52 -13.50
N CYS A 82 -2.66 2.57 -12.59
CA CYS A 82 -4.00 2.12 -12.84
C CYS A 82 -4.95 3.29 -12.94
N PHE A 83 -5.94 3.12 -13.80
CA PHE A 83 -7.16 3.93 -13.83
C PHE A 83 -8.31 2.91 -14.03
N SER A 84 -9.52 3.30 -13.65
CA SER A 84 -10.71 2.50 -13.94
C SER A 84 -11.26 2.89 -15.29
N LEU A 85 -11.61 1.89 -16.08
CA LEU A 85 -12.18 2.08 -17.43
C LEU A 85 -13.54 2.73 -17.45
N VAL A 86 -14.20 2.81 -16.31
CA VAL A 86 -15.46 3.49 -16.19
C VAL A 86 -15.33 4.68 -15.24
N SER A 87 -14.13 5.30 -15.19
CA SER A 87 -13.95 6.60 -14.50
C SER A 87 -12.99 7.48 -15.28
N PRO A 88 -13.51 8.27 -16.23
CA PRO A 88 -12.72 9.24 -16.97
C PRO A 88 -11.79 10.10 -16.11
N ALA A 89 -12.26 10.45 -14.91
CA ALA A 89 -11.47 11.22 -13.95
C ALA A 89 -10.20 10.47 -13.54
N SER A 90 -10.33 9.18 -13.20
CA SER A 90 -9.17 8.36 -12.84
C SER A 90 -8.17 8.30 -13.98
N PHE A 91 -8.69 8.16 -15.21
CA PHE A 91 -7.88 8.11 -16.40
C PHE A 91 -7.13 9.44 -16.59
N GLU A 92 -7.86 10.54 -16.53
CA GLU A 92 -7.22 11.84 -16.59
C GLU A 92 -6.16 12.06 -15.51
N ASN A 93 -6.39 11.50 -14.32
CA ASN A 93 -5.41 11.59 -13.23
C ASN A 93 -4.12 10.87 -13.49
N VAL A 94 -4.11 9.94 -14.45
CA VAL A 94 -2.87 9.28 -14.88
C VAL A 94 -1.90 10.37 -15.34
N ARG A 95 -2.45 11.24 -16.16
CA ARG A 95 -1.72 12.27 -16.76
C ARG A 95 -1.42 13.34 -15.72
N ALA A 96 -2.42 13.68 -14.92
CA ALA A 96 -2.31 14.84 -14.07
C ALA A 96 -1.58 14.62 -12.76
N LYS A 97 -1.62 13.38 -12.25
CA LYS A 97 -1.13 13.08 -10.89
C LYS A 97 -0.11 11.97 -10.89
N TRP A 98 -0.44 10.83 -11.50
CA TRP A 98 0.30 9.60 -11.25
C TRP A 98 1.61 9.52 -12.02
N TYR A 99 1.55 9.79 -13.32
CA TYR A 99 2.76 9.72 -14.14
C TYR A 99 3.81 10.76 -13.70
N PRO A 100 3.41 12.03 -13.47
CA PRO A 100 4.37 13.03 -12.97
C PRO A 100 5.20 12.60 -11.76
N GLU A 101 4.53 12.22 -10.69
CA GLU A 101 5.25 11.90 -9.47
C GLU A 101 6.06 10.62 -9.61
N VAL A 102 5.54 9.64 -10.32
CA VAL A 102 6.32 8.46 -10.61
C VAL A 102 7.58 8.80 -11.38
N ARG A 103 7.49 9.66 -12.40
CA ARG A 103 8.68 10.04 -13.18
C ARG A 103 9.62 10.88 -12.38
N HIS A 104 9.07 11.82 -11.66
CA HIS A 104 9.89 12.69 -10.87
C HIS A 104 10.83 11.88 -9.99
N HIS A 105 10.29 10.87 -9.30
CA HIS A 105 11.06 10.10 -8.31
C HIS A 105 11.77 8.90 -8.95
N CYS A 106 11.21 8.31 -9.98
CA CYS A 106 11.81 7.12 -10.55
C CYS A 106 11.92 7.27 -12.05
N PRO A 107 12.77 8.18 -12.50
CA PRO A 107 12.77 8.54 -13.92
C PRO A 107 13.08 7.43 -14.94
N ASN A 108 13.65 6.30 -14.52
CA ASN A 108 13.94 5.19 -15.46
C ASN A 108 13.26 3.87 -15.12
N THR A 109 12.12 3.94 -14.46
CA THR A 109 11.45 2.72 -14.02
C THR A 109 10.34 2.47 -15.01
N PRO A 110 10.22 1.25 -15.50
CA PRO A 110 9.14 0.94 -16.44
C PRO A 110 7.76 1.06 -15.79
N ILE A 111 6.81 1.52 -16.59
CA ILE A 111 5.42 1.72 -16.24
C ILE A 111 4.58 0.82 -17.13
N ILE A 112 3.69 0.07 -16.52
CA ILE A 112 2.60 -0.54 -17.26
C ILE A 112 1.37 0.27 -16.99
N LEU A 113 0.64 0.61 -18.06
CA LEU A 113 -0.63 1.32 -17.90
C LEU A 113 -1.74 0.31 -17.79
N VAL A 114 -2.43 0.29 -16.66
CA VAL A 114 -3.45 -0.74 -16.41
C VAL A 114 -4.86 -0.11 -16.37
N GLY A 115 -5.74 -0.56 -17.27
CA GLY A 115 -7.17 -0.15 -17.27
C GLY A 115 -7.94 -1.23 -16.51
N THR A 116 -8.56 -0.86 -15.38
CA THR A 116 -9.28 -1.81 -14.48
C THR A 116 -10.81 -1.68 -14.63
N LYS A 117 -11.52 -2.64 -14.06
CA LYS A 117 -12.98 -2.71 -14.14
C LYS A 117 -13.49 -2.81 -15.57
N LEU A 118 -12.81 -3.61 -16.39
CA LEU A 118 -13.34 -3.97 -17.72
C LEU A 118 -14.69 -4.68 -17.60
N ASP A 119 -14.92 -5.38 -16.49
CA ASP A 119 -16.22 -5.99 -16.19
C ASP A 119 -17.40 -4.98 -16.14
N LEU A 120 -17.11 -3.68 -16.03
CA LEU A 120 -18.14 -2.63 -16.03
C LEU A 120 -18.25 -1.78 -17.33
N ARG A 121 -17.35 -1.96 -18.30
CA ARG A 121 -17.39 -1.10 -19.50
C ARG A 121 -18.60 -1.34 -20.39
N ASP A 122 -19.10 -2.59 -20.40
CA ASP A 122 -20.32 -2.99 -21.14
C ASP A 122 -21.52 -3.17 -20.22
N ASP A 123 -21.60 -2.41 -19.13
CA ASP A 123 -22.66 -2.56 -18.13
C ASP A 123 -23.64 -1.40 -18.31
N LYS A 124 -24.92 -1.72 -18.58
CA LYS A 124 -25.97 -0.71 -18.85
C LYS A 124 -26.03 0.40 -17.78
N ASP A 125 -26.11 -0.03 -16.51
CA ASP A 125 -26.27 0.88 -15.38
C ASP A 125 -25.05 1.80 -15.16
N THR A 126 -23.84 1.24 -15.30
CA THR A 126 -22.61 2.02 -15.31
C THR A 126 -22.58 3.06 -16.47
N ILE A 127 -22.78 2.56 -17.69
CA ILE A 127 -22.81 3.39 -18.90
C ILE A 127 -23.85 4.51 -18.78
N GLU A 128 -25.04 4.17 -18.30
CA GLU A 128 -26.12 5.13 -18.05
C GLU A 128 -25.74 6.14 -16.96
N LYS A 129 -25.15 5.65 -15.86
CA LYS A 129 -24.74 6.55 -14.76
C LYS A 129 -23.71 7.56 -15.28
N LEU A 130 -22.89 7.13 -16.24
CA LEU A 130 -21.91 8.01 -16.89
C LEU A 130 -22.53 8.95 -17.95
N LYS A 131 -23.45 8.44 -18.78
CA LYS A 131 -24.17 9.26 -19.79
C LYS A 131 -24.83 10.45 -19.11
N GLU A 132 -25.40 10.21 -17.92
CA GLU A 132 -26.04 11.25 -17.13
C GLU A 132 -25.08 12.35 -16.66
N LYS A 133 -23.79 12.03 -16.57
CA LYS A 133 -22.74 13.05 -16.33
C LYS A 133 -22.10 13.61 -17.63
N LYS A 134 -22.75 13.41 -18.78
CA LYS A 134 -22.19 13.70 -20.12
C LYS A 134 -20.79 13.06 -20.36
N LEU A 135 -20.64 11.80 -19.92
CA LEU A 135 -19.39 11.02 -20.06
C LEU A 135 -19.58 9.65 -20.73
N THR A 136 -18.48 9.05 -21.16
CA THR A 136 -18.46 7.62 -21.62
C THR A 136 -17.30 6.83 -21.01
N PRO A 137 -17.38 5.49 -21.07
CA PRO A 137 -16.24 4.75 -20.62
C PRO A 137 -15.02 5.02 -21.51
N ILE A 138 -13.86 4.65 -20.98
CA ILE A 138 -12.60 4.79 -21.63
C ILE A 138 -12.43 3.54 -22.47
N THR A 139 -12.21 3.78 -23.77
CA THR A 139 -12.00 2.71 -24.74
C THR A 139 -10.52 2.53 -25.02
N TYR A 140 -10.28 1.47 -25.77
CA TYR A 140 -8.98 0.94 -26.02
C TYR A 140 -7.97 1.92 -26.62
N PRO A 141 -8.32 2.58 -27.74
CA PRO A 141 -7.42 3.59 -28.28
C PRO A 141 -7.10 4.73 -27.30
N GLN A 142 -7.99 5.03 -26.38
CA GLN A 142 -7.69 6.06 -25.35
C GLN A 142 -6.52 5.65 -24.42
N GLY A 143 -6.50 4.37 -24.03
CA GLY A 143 -5.48 3.83 -23.18
C GLY A 143 -4.15 3.73 -23.90
N LEU A 144 -4.19 3.18 -25.11
CA LEU A 144 -3.03 3.18 -26.02
C LEU A 144 -2.45 4.57 -26.24
N ALA A 145 -3.29 5.56 -26.42
CA ALA A 145 -2.81 6.92 -26.61
C ALA A 145 -2.25 7.46 -25.28
N MET A 146 -2.84 7.07 -24.15
CA MET A 146 -2.31 7.51 -22.86
C MET A 146 -0.97 6.87 -22.58
N ALA A 147 -0.90 5.55 -22.73
CA ALA A 147 0.37 4.80 -22.60
C ALA A 147 1.50 5.53 -23.37
N LYS A 148 1.33 5.72 -24.68
CA LYS A 148 2.29 6.48 -25.50
C LYS A 148 2.72 7.79 -24.88
N GLU A 149 1.78 8.66 -24.61
CA GLU A 149 2.08 9.90 -23.93
C GLU A 149 3.01 9.81 -22.70
N ILE A 150 2.86 8.74 -21.89
CA ILE A 150 3.62 8.61 -20.61
C ILE A 150 4.89 7.77 -20.70
N GLY A 151 5.06 7.06 -21.79
CA GLY A 151 6.18 6.17 -21.96
C GLY A 151 5.95 4.78 -21.40
N ALA A 152 4.69 4.34 -21.33
CA ALA A 152 4.39 3.03 -20.79
C ALA A 152 4.85 1.97 -21.74
N VAL A 153 5.33 0.87 -21.22
CA VAL A 153 5.81 -0.18 -22.08
C VAL A 153 4.62 -0.95 -22.67
N LYS A 154 3.56 -1.11 -21.89
CA LYS A 154 2.34 -1.78 -22.34
C LYS A 154 1.15 -1.05 -21.75
N TYR A 155 0.06 -0.99 -22.50
CA TYR A 155 -1.24 -0.61 -21.98
C TYR A 155 -1.99 -1.92 -21.92
N LEU A 156 -2.59 -2.21 -20.76
CA LEU A 156 -3.30 -3.49 -20.59
C LEU A 156 -4.64 -3.30 -19.88
N GLU A 157 -5.66 -4.04 -20.34
CA GLU A 157 -6.99 -3.98 -19.71
C GLU A 157 -7.23 -5.24 -18.86
N CYS A 158 -7.92 -5.09 -17.73
CA CYS A 158 -8.24 -6.27 -16.92
C CYS A 158 -9.45 -6.04 -16.03
N SER A 159 -9.97 -7.16 -15.51
CA SER A 159 -11.01 -7.19 -14.49
C SER A 159 -10.57 -8.10 -13.31
N ALA A 160 -10.66 -7.56 -12.09
CA ALA A 160 -10.50 -8.36 -10.87
C ALA A 160 -11.68 -9.33 -10.77
N LEU A 161 -12.85 -8.89 -11.23
CA LEU A 161 -14.08 -9.65 -11.11
C LEU A 161 -14.04 -10.98 -11.91
N THR A 162 -13.87 -10.86 -13.21
CA THR A 162 -13.81 -12.03 -14.10
C THR A 162 -12.40 -12.64 -14.22
N GLN A 163 -11.38 -11.92 -13.72
CA GLN A 163 -9.94 -12.24 -13.89
C GLN A 163 -9.41 -12.15 -15.34
N ARG A 164 -10.18 -11.49 -16.23
CA ARG A 164 -9.78 -11.41 -17.62
C ARG A 164 -8.66 -10.41 -17.69
N GLY A 165 -7.53 -10.82 -18.28
CA GLY A 165 -6.32 -9.96 -18.38
C GLY A 165 -5.49 -9.75 -17.11
N LEU A 166 -5.88 -10.39 -16.00
CA LEU A 166 -5.26 -10.14 -14.71
C LEU A 166 -3.88 -10.78 -14.65
N LYS A 167 -3.80 -12.11 -14.79
CA LYS A 167 -2.52 -12.83 -14.81
C LYS A 167 -1.58 -12.13 -15.77
N THR A 168 -2.09 -11.77 -16.96
CA THR A 168 -1.29 -11.11 -18.01
C THR A 168 -0.69 -9.79 -17.55
N VAL A 169 -1.46 -8.99 -16.82
CA VAL A 169 -0.90 -7.74 -16.24
C VAL A 169 0.41 -7.98 -15.53
N PHE A 170 0.43 -9.01 -14.69
CA PHE A 170 1.58 -9.24 -13.83
C PHE A 170 2.68 -9.93 -14.62
N ASP A 171 2.32 -10.82 -15.54
CA ASP A 171 3.30 -11.37 -16.48
C ASP A 171 4.11 -10.28 -17.17
N GLU A 172 3.44 -9.25 -17.66
CA GLU A 172 4.12 -8.21 -18.36
C GLU A 172 4.81 -7.25 -17.41
N ALA A 173 4.36 -7.10 -16.16
CA ALA A 173 5.14 -6.33 -15.17
C ALA A 173 6.58 -6.87 -15.10
N ILE A 174 6.65 -8.20 -15.04
CA ILE A 174 7.88 -8.93 -14.91
C ILE A 174 8.71 -8.85 -16.20
N ARG A 175 8.08 -9.13 -17.35
CA ARG A 175 8.75 -9.01 -18.65
C ARG A 175 9.33 -7.62 -18.86
N ALA A 176 8.69 -6.58 -18.35
CA ALA A 176 9.24 -5.23 -18.45
C ALA A 176 10.56 -5.01 -17.70
N VAL A 177 10.89 -5.89 -16.75
CA VAL A 177 12.12 -5.81 -15.94
C VAL A 177 13.25 -6.70 -16.50
N LEU A 178 12.91 -7.89 -16.97
CA LEU A 178 13.89 -8.87 -17.44
C LEU A 178 14.74 -8.41 -18.64
N ARG B 3 -23.49 -7.81 9.28
CA ARG B 3 -22.52 -8.60 8.46
C ARG B 3 -21.32 -7.72 8.04
N LYS B 4 -21.60 -6.63 7.34
CA LYS B 4 -20.52 -5.80 6.80
C LYS B 4 -19.72 -5.17 7.92
N LYS B 5 -20.41 -4.60 8.92
CA LYS B 5 -19.69 -4.01 10.07
C LYS B 5 -18.84 -5.03 10.80
N GLU B 6 -19.28 -6.27 10.82
CA GLU B 6 -18.55 -7.34 11.47
C GLU B 6 -17.31 -7.78 10.65
N PHE B 7 -17.43 -7.87 9.32
CA PHE B 7 -16.28 -8.25 8.46
C PHE B 7 -15.23 -7.15 8.56
N ILE B 8 -15.64 -5.88 8.57
CA ILE B 8 -14.68 -4.79 8.65
C ILE B 8 -13.92 -4.81 9.96
N MET B 9 -14.64 -5.00 11.07
CA MET B 9 -14.05 -5.11 12.41
C MET B 9 -13.12 -6.29 12.49
N ALA B 10 -13.47 -7.41 11.87
CA ALA B 10 -12.56 -8.54 11.84
C ALA B 10 -11.27 -8.26 11.07
N GLU B 11 -11.35 -7.44 10.01
CA GLU B 11 -10.18 -7.05 9.24
C GLU B 11 -9.35 -6.12 10.08
N LEU B 12 -10.01 -5.13 10.68
CA LEU B 12 -9.32 -4.17 11.53
C LEU B 12 -8.44 -4.89 12.53
N LEU B 13 -9.03 -5.83 13.26
CA LEU B 13 -8.29 -6.63 14.23
C LEU B 13 -7.29 -7.57 13.59
N GLN B 14 -7.67 -8.31 12.57
CA GLN B 14 -6.72 -9.27 11.98
C GLN B 14 -5.51 -8.56 11.42
N THR B 15 -5.74 -7.43 10.78
CA THR B 15 -4.61 -6.68 10.25
C THR B 15 -3.77 -5.98 11.34
N GLU B 16 -4.42 -5.57 12.42
CA GLU B 16 -3.70 -5.03 13.55
C GLU B 16 -2.77 -6.11 14.08
N LYS B 17 -3.26 -7.34 14.23
CA LYS B 17 -2.38 -8.39 14.76
C LYS B 17 -1.17 -8.59 13.87
N ALA B 18 -1.39 -8.57 12.58
CA ALA B 18 -0.32 -8.83 11.66
C ALA B 18 0.67 -7.69 11.68
N TYR B 19 0.18 -6.47 11.82
CA TYR B 19 1.07 -5.29 11.93
C TYR B 19 1.98 -5.44 13.16
N VAL B 20 1.42 -5.90 14.26
CA VAL B 20 2.21 -6.12 15.46
C VAL B 20 3.20 -7.27 15.23
N ARG B 21 2.78 -8.34 14.56
CA ARG B 21 3.73 -9.40 14.20
C ARG B 21 4.83 -8.82 13.33
N ASP B 22 4.45 -8.06 12.31
CA ASP B 22 5.42 -7.49 11.40
C ASP B 22 6.40 -6.54 12.10
N LEU B 23 5.94 -5.62 12.95
CA LEU B 23 6.92 -4.74 13.59
C LEU B 23 7.85 -5.57 14.47
N HIS B 24 7.26 -6.50 15.20
CA HIS B 24 8.03 -7.36 16.08
C HIS B 24 9.11 -8.09 15.31
N GLU B 25 8.78 -8.65 14.17
CA GLU B 25 9.76 -9.35 13.35
C GLU B 25 10.87 -8.40 12.99
N CYS B 26 10.46 -7.24 12.56
CA CYS B 26 11.42 -6.29 12.15
C CYS B 26 12.40 -6.00 13.28
N LEU B 27 11.89 -5.85 14.49
CA LEU B 27 12.73 -5.43 15.60
C LEU B 27 13.62 -6.58 16.07
N GLU B 28 13.10 -7.79 15.99
CA GLU B 28 13.88 -8.90 16.48
C GLU B 28 14.75 -9.53 15.43
N THR B 29 14.80 -8.95 14.22
CA THR B 29 15.75 -9.42 13.23
C THR B 29 16.58 -8.25 12.78
N TYR B 30 16.07 -7.41 11.91
CA TYR B 30 16.93 -6.40 11.35
C TYR B 30 17.51 -5.50 12.45
N LEU B 31 16.69 -5.02 13.40
CA LEU B 31 17.21 -4.16 14.48
C LEU B 31 18.13 -4.91 15.41
N TRP B 32 17.77 -6.15 15.72
CA TRP B 32 18.51 -6.93 16.70
C TRP B 32 19.95 -7.21 16.27
N GLU B 33 20.13 -7.73 15.05
CA GLU B 33 21.45 -7.93 14.44
C GLU B 33 22.34 -6.71 14.56
N MET B 34 21.81 -5.53 14.27
CA MET B 34 22.57 -4.29 14.44
C MET B 34 23.00 -3.95 15.87
N THR B 35 22.10 -4.19 16.82
CA THR B 35 22.37 -3.86 18.20
C THR B 35 22.96 -5.05 18.96
N SER B 36 22.89 -6.23 18.37
CA SER B 36 23.30 -7.43 19.06
C SER B 36 24.78 -7.29 19.35
N GLY B 37 25.56 -7.18 18.26
CA GLY B 37 27.01 -7.39 18.28
C GLY B 37 27.30 -8.83 17.91
N VAL B 38 26.67 -9.32 16.83
CA VAL B 38 26.79 -10.70 16.38
C VAL B 38 27.21 -10.81 14.88
N GLU B 39 27.47 -9.68 14.19
CA GLU B 39 27.73 -9.69 12.72
C GLU B 39 28.41 -8.38 12.26
N GLU B 40 29.04 -8.42 11.08
CA GLU B 40 29.80 -7.27 10.53
C GLU B 40 28.95 -6.07 10.08
N ILE B 41 28.96 -5.02 10.90
CA ILE B 41 28.18 -3.80 10.65
C ILE B 41 28.92 -2.76 9.79
N PRO B 42 28.52 -2.58 8.52
CA PRO B 42 29.19 -1.55 7.75
C PRO B 42 29.45 -0.24 8.50
N PRO B 43 30.66 0.30 8.46
CA PRO B 43 30.94 1.59 9.12
C PRO B 43 29.96 2.72 8.81
N GLY B 44 29.44 2.75 7.58
CA GLY B 44 28.49 3.77 7.16
C GLY B 44 27.17 3.84 7.91
N ILE B 45 26.74 2.70 8.51
CA ILE B 45 25.48 2.60 9.29
C ILE B 45 25.63 2.47 10.82
N LEU B 46 26.87 2.33 11.29
CA LEU B 46 27.19 2.04 12.70
C LEU B 46 26.61 3.09 13.66
N ASN B 47 25.95 2.61 14.73
CA ASN B 47 25.30 3.48 15.71
C ASN B 47 24.22 4.41 15.13
N LYS B 48 23.81 4.17 13.88
CA LYS B 48 22.80 4.98 13.19
C LYS B 48 21.46 4.20 13.04
N GLU B 49 21.23 3.24 13.93
CA GLU B 49 19.97 2.51 13.98
C GLU B 49 18.81 3.44 14.33
N HIS B 50 19.07 4.52 15.04
CA HIS B 50 18.05 5.55 15.23
C HIS B 50 17.60 6.22 13.93
N ILE B 51 18.49 6.35 12.96
CA ILE B 51 18.10 6.93 11.67
C ILE B 51 17.39 5.87 10.82
N ILE B 52 17.89 4.64 10.82
CA ILE B 52 17.27 3.55 10.07
C ILE B 52 15.84 3.23 10.52
N PHE B 53 15.72 2.86 11.79
CA PHE B 53 14.47 2.40 12.34
C PHE B 53 13.63 3.52 12.93
N GLY B 54 14.13 4.75 13.00
CA GLY B 54 13.33 5.87 13.51
C GLY B 54 12.77 5.55 14.89
N ASN B 55 11.49 5.84 15.12
CA ASN B 55 10.85 5.61 16.42
C ASN B 55 9.98 4.40 16.39
N ILE B 56 10.33 3.43 15.54
CA ILE B 56 9.47 2.25 15.34
C ILE B 56 9.35 1.39 16.57
N GLN B 57 10.35 1.43 17.45
CA GLN B 57 10.27 0.75 18.73
C GLN B 57 9.06 1.26 19.49
N GLU B 58 8.93 2.58 19.55
CA GLU B 58 7.90 3.20 20.35
C GLU B 58 6.51 2.91 19.76
N ILE B 59 6.41 3.10 18.44
CA ILE B 59 5.23 2.70 17.67
C ILE B 59 4.79 1.25 17.94
N TYR B 60 5.70 0.29 17.83
CA TYR B 60 5.43 -1.09 18.24
C TYR B 60 4.94 -1.23 19.68
N ASP B 61 5.58 -0.52 20.59
CA ASP B 61 5.20 -0.67 22.00
C ASP B 61 3.77 -0.20 22.22
N PHE B 62 3.42 0.88 21.52
CA PHE B 62 2.09 1.44 21.59
C PHE B 62 1.03 0.44 21.12
N HIS B 63 1.22 -0.12 19.94
CA HIS B 63 0.30 -1.14 19.43
C HIS B 63 0.35 -2.45 20.23
N ASN B 64 1.52 -2.86 20.69
CA ASN B 64 1.63 -4.18 21.31
C ASN B 64 1.21 -4.12 22.77
N ASN B 65 1.42 -2.99 23.44
CA ASN B 65 1.06 -2.90 24.88
C ASN B 65 -0.37 -2.43 25.05
N ILE B 66 -0.78 -1.45 24.26
CA ILE B 66 -2.06 -0.77 24.44
C ILE B 66 -3.11 -1.03 23.34
N PHE B 67 -2.78 -0.65 22.12
CA PHE B 67 -3.80 -0.38 21.14
C PHE B 67 -4.49 -1.62 20.64
N LEU B 68 -3.73 -2.67 20.39
CA LEU B 68 -4.32 -3.92 19.99
C LEU B 68 -5.19 -4.44 21.12
N LYS B 69 -4.73 -4.34 22.38
CA LYS B 69 -5.59 -4.77 23.55
C LYS B 69 -6.92 -4.02 23.58
N GLU B 70 -6.89 -2.73 23.27
CA GLU B 70 -8.11 -1.92 23.25
C GLU B 70 -9.01 -2.13 22.03
N LEU B 71 -8.44 -2.32 20.84
CA LEU B 71 -9.26 -2.68 19.69
C LEU B 71 -9.99 -3.98 19.92
N GLU B 72 -9.35 -4.91 20.59
CA GLU B 72 -9.96 -6.20 20.84
C GLU B 72 -11.22 -6.04 21.65
N LYS B 73 -11.20 -5.11 22.59
CA LYS B 73 -12.33 -4.83 23.46
C LYS B 73 -13.52 -4.28 22.68
N TYR B 74 -13.27 -3.59 21.58
CA TYR B 74 -14.31 -3.10 20.71
C TYR B 74 -14.74 -4.11 19.63
N GLU B 75 -14.50 -5.42 19.79
CA GLU B 75 -14.76 -6.38 18.70
C GLU B 75 -16.24 -6.51 18.42
N GLN B 76 -17.03 -6.50 19.46
CA GLN B 76 -18.46 -6.57 19.33
C GLN B 76 -19.10 -5.13 19.34
N LEU B 77 -18.31 -4.10 19.11
CA LEU B 77 -18.79 -2.75 19.18
C LEU B 77 -18.28 -1.91 18.06
N PRO B 78 -18.35 -2.43 16.82
CA PRO B 78 -17.79 -1.63 15.69
C PRO B 78 -18.28 -0.19 15.60
N GLU B 79 -19.56 0.04 15.84
CA GLU B 79 -20.12 1.43 15.80
C GLU B 79 -19.43 2.43 16.73
N ASP B 80 -18.86 1.89 17.80
CA ASP B 80 -18.13 2.68 18.80
C ASP B 80 -16.61 2.82 18.59
N VAL B 81 -16.05 2.09 17.63
CA VAL B 81 -14.60 1.92 17.59
C VAL B 81 -13.86 3.21 17.25
N GLY B 82 -14.53 4.12 16.60
CA GLY B 82 -14.00 5.48 16.45
C GLY B 82 -13.52 6.08 17.77
N HIS B 83 -14.17 5.75 18.89
CA HIS B 83 -13.75 6.26 20.20
C HIS B 83 -12.34 5.76 20.62
N CYS B 84 -12.01 4.51 20.29
CA CYS B 84 -10.68 3.95 20.47
C CYS B 84 -9.60 4.86 19.93
N PHE B 85 -9.83 5.38 18.75
CA PHE B 85 -8.89 6.29 18.13
C PHE B 85 -8.83 7.67 18.79
N VAL B 86 -9.97 8.19 19.23
CA VAL B 86 -9.95 9.49 19.89
C VAL B 86 -9.14 9.35 21.18
N THR B 87 -9.52 8.39 22.00
CA THR B 87 -8.80 8.06 23.23
C THR B 87 -7.27 8.07 23.08
N TRP B 88 -6.77 7.45 22.01
CA TRP B 88 -5.33 7.26 21.81
C TRP B 88 -4.74 8.17 20.72
N ALA B 89 -5.42 9.26 20.43
CA ALA B 89 -4.99 10.22 19.42
C ALA B 89 -3.55 10.72 19.58
N ASP B 90 -3.11 10.96 20.81
CA ASP B 90 -1.79 11.55 21.02
C ASP B 90 -0.67 10.58 20.68
N LYS B 91 -0.91 9.29 20.92
CA LYS B 91 0.05 8.24 20.59
C LYS B 91 0.34 8.26 19.09
N PHE B 92 -0.66 8.56 18.26
CA PHE B 92 -0.48 8.50 16.81
C PHE B 92 0.40 9.58 16.26
N GLN B 93 0.57 10.63 17.04
CA GLN B 93 1.50 11.67 16.69
C GLN B 93 2.89 11.10 16.48
N MET B 94 3.22 9.95 17.07
CA MET B 94 4.51 9.34 16.81
C MET B 94 4.69 8.77 15.38
N TYR B 95 3.62 8.68 14.60
CA TYR B 95 3.77 8.44 13.16
C TYR B 95 4.25 9.67 12.41
N VAL B 96 4.03 10.85 12.97
CA VAL B 96 4.52 12.09 12.37
C VAL B 96 6.03 12.04 12.36
N THR B 97 6.62 11.86 13.54
CA THR B 97 8.07 11.72 13.69
C THR B 97 8.66 10.70 12.72
N TYR B 98 7.99 9.55 12.58
CA TYR B 98 8.48 8.38 11.82
C TYR B 98 8.56 8.67 10.33
N CYS B 99 7.55 9.39 9.86
CA CYS B 99 7.44 9.75 8.46
C CYS B 99 8.45 10.82 8.09
N LYS B 100 8.60 11.85 8.94
CA LYS B 100 9.73 12.81 8.82
C LYS B 100 11.07 12.10 8.57
N ASN B 101 11.31 11.02 9.31
CA ASN B 101 12.59 10.30 9.26
C ASN B 101 12.78 9.25 8.13
N LYS B 102 11.71 8.87 7.46
CA LYS B 102 11.78 7.76 6.51
C LYS B 102 12.69 8.03 5.31
N PRO B 103 12.67 9.25 4.75
CA PRO B 103 13.61 9.59 3.66
C PRO B 103 15.08 9.37 4.05
N ASP B 104 15.50 10.00 5.14
CA ASP B 104 16.85 9.79 5.69
C ASP B 104 17.09 8.32 5.89
N SER B 105 16.14 7.59 6.48
CA SER B 105 16.32 6.15 6.67
C SER B 105 16.62 5.46 5.38
N ASN B 106 15.89 5.81 4.31
CA ASN B 106 16.01 5.03 3.07
C ASN B 106 17.37 5.27 2.39
N GLN B 107 17.76 6.53 2.26
CA GLN B 107 19.06 6.89 1.66
C GLN B 107 20.24 6.20 2.36
N LEU B 108 20.28 6.36 3.69
CA LEU B 108 21.28 5.72 4.53
C LEU B 108 21.41 4.25 4.19
N ILE B 109 20.30 3.57 4.00
CA ILE B 109 20.33 2.12 3.66
C ILE B 109 20.88 1.87 2.25
N LEU B 110 20.56 2.74 1.30
CA LEU B 110 21.18 2.63 -0.02
C LEU B 110 22.66 2.87 0.03
N GLU B 111 23.03 4.08 0.47
CA GLU B 111 24.38 4.59 0.35
C GLU B 111 25.42 3.87 1.18
N HIS B 112 25.02 3.18 2.25
CA HIS B 112 25.96 2.74 3.30
C HIS B 112 25.76 1.36 3.95
N ALA B 113 24.74 0.62 3.56
CA ALA B 113 24.46 -0.69 4.15
C ALA B 113 24.81 -1.86 3.27
N GLY B 114 25.02 -1.61 1.97
CA GLY B 114 25.33 -2.67 0.99
C GLY B 114 24.36 -3.81 1.15
N THR B 115 24.83 -5.06 1.10
CA THR B 115 23.93 -6.21 1.29
C THR B 115 23.79 -6.58 2.75
N PHE B 116 24.01 -5.64 3.68
CA PHE B 116 24.06 -6.05 5.07
C PHE B 116 22.73 -6.69 5.43
N PHE B 117 21.68 -5.94 5.14
CA PHE B 117 20.32 -6.33 5.46
C PHE B 117 19.77 -7.41 4.54
N ASP B 118 20.11 -7.34 3.25
CA ASP B 118 19.82 -8.46 2.34
C ASP B 118 20.39 -9.79 2.89
N GLU B 119 21.61 -9.71 3.45
CA GLU B 119 22.29 -10.87 4.02
C GLU B 119 21.43 -11.46 5.15
N ILE B 120 21.02 -10.61 6.10
CA ILE B 120 20.16 -11.05 7.25
C ILE B 120 18.80 -11.58 6.76
N GLN B 121 18.22 -10.90 5.78
CA GLN B 121 17.00 -11.39 5.16
C GLN B 121 17.18 -12.83 4.66
N GLN B 122 18.21 -13.02 3.83
CA GLN B 122 18.55 -14.35 3.31
C GLN B 122 18.73 -15.33 4.47
N ARG B 123 19.60 -14.97 5.41
CA ARG B 123 19.85 -15.75 6.63
C ARG B 123 18.58 -16.24 7.35
N HIS B 124 17.69 -15.31 7.74
CA HIS B 124 16.46 -15.65 8.48
C HIS B 124 15.32 -16.22 7.62
N GLY B 125 15.42 -16.11 6.29
CA GLY B 125 14.38 -16.62 5.40
C GLY B 125 13.15 -15.77 5.36
N LEU B 126 13.35 -14.46 5.44
CA LEU B 126 12.24 -13.50 5.47
C LEU B 126 11.85 -13.13 4.05
N ALA B 127 10.55 -13.24 3.77
CA ALA B 127 9.96 -12.75 2.55
C ALA B 127 9.97 -11.21 2.43
N ASN B 128 9.97 -10.49 3.55
CA ASN B 128 10.00 -9.04 3.48
C ASN B 128 11.37 -8.47 3.74
N SER B 129 11.80 -7.59 2.84
CA SER B 129 13.06 -6.90 2.95
C SER B 129 12.92 -5.97 4.10
N ILE B 130 14.04 -5.48 4.61
CA ILE B 130 13.94 -4.43 5.60
C ILE B 130 13.11 -3.25 5.07
N SER B 131 13.26 -2.88 3.81
CA SER B 131 12.51 -1.74 3.26
C SER B 131 10.98 -2.02 3.26
N SER B 132 10.61 -3.26 3.01
CA SER B 132 9.22 -3.69 3.09
C SER B 132 8.65 -3.58 4.51
N TYR B 133 9.41 -4.01 5.51
CA TYR B 133 9.00 -3.79 6.90
C TYR B 133 8.90 -2.32 7.23
N LEU B 134 9.80 -1.51 6.74
CA LEU B 134 9.89 -0.11 7.18
C LEU B 134 8.89 0.81 6.51
N ILE B 135 8.30 0.37 5.40
CA ILE B 135 7.16 1.12 4.84
C ILE B 135 5.86 0.90 5.64
N LYS B 136 5.75 -0.20 6.38
CA LYS B 136 4.47 -0.61 7.01
C LYS B 136 3.80 0.42 7.95
N PRO B 137 4.58 1.11 8.79
CA PRO B 137 3.95 2.18 9.57
C PRO B 137 3.29 3.26 8.74
N VAL B 138 3.88 3.58 7.60
CA VAL B 138 3.30 4.55 6.68
C VAL B 138 2.05 3.98 6.04
N GLN B 139 2.06 2.70 5.69
CA GLN B 139 0.87 2.07 5.16
C GLN B 139 -0.24 2.04 6.20
N ARG B 140 0.12 1.61 7.40
CA ARG B 140 -0.86 1.35 8.42
C ARG B 140 -1.57 2.61 8.86
N VAL B 141 -0.84 3.71 8.92
CA VAL B 141 -1.40 4.95 9.42
C VAL B 141 -2.33 5.63 8.42
N THR B 142 -2.25 5.21 7.16
CA THR B 142 -3.18 5.67 6.13
C THR B 142 -4.32 4.69 5.87
N LYS B 143 -4.24 3.50 6.44
CA LYS B 143 -5.22 2.46 6.27
C LYS B 143 -6.35 2.56 7.28
N TYR B 144 -6.07 3.08 8.48
CA TYR B 144 -7.12 3.21 9.51
C TYR B 144 -8.32 4.06 9.03
N GLN B 145 -8.00 5.18 8.37
CA GLN B 145 -9.04 6.01 7.77
C GLN B 145 -9.91 5.25 6.74
N LEU B 146 -9.32 4.36 5.94
CA LEU B 146 -10.14 3.50 5.05
C LEU B 146 -11.16 2.60 5.78
N LEU B 147 -10.71 1.93 6.83
CA LEU B 147 -11.59 1.05 7.62
C LEU B 147 -12.71 1.80 8.32
N LEU B 148 -12.44 3.03 8.77
CA LEU B 148 -13.48 3.80 9.43
C LEU B 148 -14.56 4.28 8.44
N LYS B 149 -14.11 4.81 7.31
CA LYS B 149 -15.01 5.07 6.18
C LYS B 149 -15.89 3.85 5.84
N GLU B 150 -15.30 2.70 5.64
CA GLU B 150 -16.10 1.52 5.43
C GLU B 150 -17.15 1.29 6.53
N LEU B 151 -16.78 1.45 7.78
CA LEU B 151 -17.77 1.32 8.88
C LEU B 151 -18.91 2.35 8.76
N LEU B 152 -18.57 3.60 8.42
CA LEU B 152 -19.56 4.63 8.18
C LEU B 152 -20.60 4.32 7.12
N THR B 153 -20.22 3.55 6.11
CA THR B 153 -21.18 3.15 5.08
C THR B 153 -22.22 2.16 5.55
N CYS B 154 -22.04 1.60 6.75
CA CYS B 154 -22.92 0.56 7.25
C CYS B 154 -23.22 0.63 8.79
N CYS B 155 -23.13 1.82 9.37
CA CYS B 155 -23.48 2.05 10.79
C CYS B 155 -24.42 3.24 10.90
N GLU B 156 -25.48 3.06 11.70
CA GLU B 156 -26.68 3.91 11.75
C GLU B 156 -26.46 5.34 12.21
N GLU B 157 -27.51 5.94 12.76
CA GLU B 157 -27.42 7.22 13.47
C GLU B 157 -26.43 7.16 14.66
N GLY B 158 -26.20 5.97 15.22
CA GLY B 158 -25.03 5.70 16.10
C GLY B 158 -23.74 5.66 15.28
N LYS B 159 -23.28 6.85 14.91
CA LYS B 159 -22.11 7.01 14.04
C LYS B 159 -21.51 8.45 14.06
N GLY B 160 -21.46 9.05 15.25
CA GLY B 160 -20.50 10.13 15.59
C GLY B 160 -19.32 9.54 16.38
N GLU B 161 -19.57 8.36 16.98
CA GLU B 161 -18.54 7.40 17.42
C GLU B 161 -17.77 6.70 16.29
N LEU B 162 -17.88 7.21 15.07
CA LEU B 162 -16.98 6.91 13.97
C LEU B 162 -16.47 8.21 13.44
N LYS B 163 -17.38 9.14 13.16
CA LYS B 163 -17.09 10.54 12.77
C LYS B 163 -15.81 11.13 13.37
N ASP B 164 -15.70 11.08 14.69
CA ASP B 164 -14.57 11.72 15.36
C ASP B 164 -13.31 10.86 15.32
N GLY B 165 -13.48 9.55 15.35
CA GLY B 165 -12.37 8.62 15.11
C GLY B 165 -11.75 8.90 13.76
N LEU B 166 -12.58 8.96 12.72
CA LEU B 166 -12.14 9.25 11.37
C LEU B 166 -11.44 10.59 11.24
N GLU B 167 -11.97 11.59 11.94
CA GLU B 167 -11.37 12.92 12.02
C GLU B 167 -9.92 12.84 12.48
N VAL B 168 -9.70 12.12 13.57
CA VAL B 168 -8.34 11.92 14.10
C VAL B 168 -7.50 11.24 13.02
N MET B 169 -7.99 10.11 12.50
CA MET B 169 -7.20 9.31 11.55
C MET B 169 -7.11 9.87 10.14
N LEU B 170 -7.72 11.02 9.93
CA LEU B 170 -7.42 11.81 8.76
C LEU B 170 -6.42 12.89 9.12
N SER B 171 -6.49 13.38 10.36
CA SER B 171 -5.61 14.49 10.84
C SER B 171 -4.15 14.10 11.00
N VAL B 172 -3.92 12.88 11.53
CA VAL B 172 -2.59 12.30 11.77
C VAL B 172 -1.78 12.16 10.47
N PRO B 173 -2.26 11.36 9.49
CA PRO B 173 -1.54 11.27 8.23
C PRO B 173 -1.31 12.61 7.52
N LYS B 174 -2.28 13.51 7.51
CA LYS B 174 -2.10 14.83 6.90
C LYS B 174 -0.99 15.59 7.61
N LYS B 175 -0.93 15.50 8.94
CA LYS B 175 0.12 16.17 9.71
C LYS B 175 1.47 15.54 9.43
N ALA B 176 1.50 14.21 9.27
CA ALA B 176 2.73 13.51 8.91
C ALA B 176 3.17 13.91 7.50
N ASN B 177 2.20 13.97 6.61
CA ASN B 177 2.41 14.41 5.24
C ASN B 177 2.89 15.85 5.18
N ASP B 178 2.29 16.71 6.00
CA ASP B 178 2.65 18.12 6.06
C ASP B 178 4.02 18.34 6.70
N ALA B 179 4.50 17.36 7.47
CA ALA B 179 5.81 17.43 8.14
C ALA B 179 7.05 17.13 7.25
N MET B 180 6.86 16.69 6.01
CA MET B 180 7.99 16.22 5.20
C MET B 180 8.73 17.42 4.62
N HIS B 181 10.06 17.30 4.48
CA HIS B 181 10.94 18.42 4.09
C HIS B 181 11.15 18.42 2.57
C1 EDO C . -16.10 -4.31 -26.55
O1 EDO C . -16.86 -3.18 -26.09
C2 EDO C . -16.67 -4.83 -27.87
O2 EDO C . -18.10 -4.84 -27.84
N1 N5V D . -13.58 -4.77 -10.84
C4 N5V D . -9.97 -4.59 -11.19
C5 N5V D . -9.92 -4.19 -9.90
N N5V D . -15.75 -5.22 -9.96
C N5V D . -17.70 -4.71 -8.55
O N5V D . -14.10 -4.43 -8.55
C1 N5V D . -16.86 -4.30 -9.75
C2 N5V D . -14.45 -4.78 -9.68
C3 N5V D . -12.21 -4.55 -10.77
N2 N5V D . -11.28 -4.80 -11.73
S N5V D . -11.49 -4.00 -9.23
#